data_5D6F
#
_entry.id   5D6F
#
_cell.length_a   90.110
_cell.length_b   99.500
_cell.length_c   101.350
_cell.angle_alpha   90.00
_cell.angle_beta   90.00
_cell.angle_gamma   90.00
#
_symmetry.space_group_name_H-M   'C 2 2 21'
#
loop_
_entity.id
_entity.type
_entity.pdbx_description
1 polymer 'Methionine aminopeptidase 2'
2 non-polymer '(4S,7R)-7-hydroxy-1-(4-methoxybenzyl)-7-methyl-4,5,6,7-tetrahydro-1H-benzotriazol-4-yl propan-2-ylcarbamate'
3 non-polymer 'COBALT (II) ION'
4 non-polymer 'TERTIARY-BUTYL ALCOHOL'
5 non-polymer 1,2-ETHANEDIOL
6 water water
#
_entity_poly.entity_id   1
_entity_poly.type   'polypeptide(L)'
_entity_poly.pdbx_seq_one_letter_code
;GPKVQTDPPSVPICDLYPNGVFPKGQECEYPPTQDGRTAAWRTTSEEKKALDQASEEIWNDFREAAEAHRQVRKYVMSWI
KPGMTMIEICEKLEDCSRKLIKENGLNAGLAFPTGCSLNNCAAHYTPNAGDTTVLQYDDICKIDFGTHISGRIIDCAFTV
TFNPKYDTLLKAVKDATNTGIKCAGIDVRLCDVGEAIQEVMESYEVEIDGKTYQVKPIRNLNGHSIGQYRIHAGKTVPIV
KGGEATRMEEGEVYAIETFGSTGKGVVHDDMECSHYMKNFDVGHVPIRLPRTKHLLNVINENFGTLAFCRRWLDRLGESK
YLMALKNLCDLGIVDPYPPLCDIKGSYTAQFEHTILLRPTCKEVVSRGDDY
;
_entity_poly.pdbx_strand_id   A
#
loop_
_chem_comp.id
_chem_comp.type
_chem_comp.name
_chem_comp.formula
57R non-polymer '(4S,7R)-7-hydroxy-1-(4-methoxybenzyl)-7-methyl-4,5,6,7-tetrahydro-1H-benzotriazol-4-yl propan-2-ylcarbamate' 'C19 H26 N4 O4'
CO non-polymer 'COBALT (II) ION' 'Co 2'
EDO non-polymer 1,2-ETHANEDIOL 'C2 H6 O2'
TBU non-polymer 'TERTIARY-BUTYL ALCOHOL' 'C4 H10 O'
#
# COMPACT_ATOMS: atom_id res chain seq x y z
N LYS A 3 25.67 -5.72 -14.32
CA LYS A 3 24.68 -6.61 -13.58
C LYS A 3 23.29 -6.56 -14.19
N VAL A 4 22.75 -7.72 -14.54
CA VAL A 4 21.38 -7.82 -15.10
C VAL A 4 20.53 -8.61 -14.08
N GLN A 5 19.22 -8.35 -14.03
CA GLN A 5 18.37 -9.09 -13.07
C GLN A 5 18.26 -10.58 -13.48
N THR A 6 18.25 -11.47 -12.51
CA THR A 6 18.03 -12.90 -12.71
C THR A 6 16.57 -13.24 -12.87
N ASP A 7 16.29 -14.47 -13.30
CA ASP A 7 14.91 -14.98 -13.35
C ASP A 7 14.92 -16.36 -12.71
N PRO A 8 14.30 -16.57 -11.54
CA PRO A 8 13.59 -15.55 -10.76
C PRO A 8 14.52 -14.41 -10.23
N PRO A 9 13.94 -13.23 -9.95
CA PRO A 9 14.73 -12.10 -9.41
C PRO A 9 15.46 -12.41 -8.12
N SER A 10 16.73 -12.08 -8.14
CA SER A 10 17.51 -12.20 -6.93
C SER A 10 18.50 -11.07 -6.66
N VAL A 11 18.77 -10.25 -7.68
CA VAL A 11 19.85 -9.20 -7.62
C VAL A 11 19.21 -7.95 -6.98
N PRO A 12 19.78 -7.43 -5.90
CA PRO A 12 19.27 -6.18 -5.34
C PRO A 12 19.21 -5.08 -6.37
N ILE A 13 18.19 -4.26 -6.28
CA ILE A 13 18.05 -3.09 -7.14
C ILE A 13 19.32 -2.22 -7.10
N CYS A 14 19.88 -2.07 -5.89
CA CYS A 14 21.04 -1.19 -5.77
C CYS A 14 22.20 -1.70 -6.62
N ASP A 15 22.29 -3.01 -6.86
CA ASP A 15 23.36 -3.54 -7.72
C ASP A 15 23.09 -3.44 -9.23
N LEU A 16 21.84 -3.18 -9.58
CA LEU A 16 21.43 -2.98 -10.98
C LEU A 16 21.68 -1.56 -11.48
N TYR A 17 21.88 -0.59 -10.55
CA TYR A 17 22.19 0.81 -10.83
C TYR A 17 23.43 1.22 -10.09
N PRO A 18 24.59 0.88 -10.67
CA PRO A 18 25.88 1.08 -9.99
C PRO A 18 26.27 2.54 -9.75
N ASN A 19 25.62 3.50 -10.42
CA ASN A 19 25.73 4.95 -10.05
C ASN A 19 24.85 5.47 -8.86
N GLY A 20 23.92 4.65 -8.33
CA GLY A 20 23.08 5.08 -7.23
C GLY A 20 21.92 5.98 -7.63
N VAL A 21 21.64 6.04 -8.92
CA VAL A 21 20.58 6.85 -9.49
C VAL A 21 19.52 5.93 -10.03
N PHE A 22 18.36 5.92 -9.37
CA PHE A 22 17.29 5.03 -9.75
C PHE A 22 16.24 5.64 -10.70
N PRO A 23 15.55 4.78 -11.46
CA PRO A 23 14.56 5.32 -12.46
C PRO A 23 13.41 6.10 -11.86
N LYS A 24 13.13 7.22 -12.54
CA LYS A 24 11.94 7.99 -12.22
C LYS A 24 10.68 7.20 -12.53
N GLY A 25 9.61 7.48 -11.78
CA GLY A 25 8.31 7.02 -12.17
C GLY A 25 7.73 7.99 -13.22
N GLN A 26 6.44 7.91 -13.37
CA GLN A 26 5.73 8.70 -14.36
C GLN A 26 5.68 10.14 -13.86
N GLU A 27 6.22 11.06 -14.66
CA GLU A 27 6.17 12.46 -14.31
C GLU A 27 5.05 13.17 -15.03
N CYS A 28 4.30 13.97 -14.29
CA CYS A 28 3.05 14.60 -14.79
C CYS A 28 3.12 16.06 -14.46
N GLU A 29 2.72 16.86 -15.46
CA GLU A 29 2.41 18.25 -15.21
C GLU A 29 1.22 18.22 -14.25
N TYR A 30 1.23 19.11 -13.29
CA TYR A 30 0.10 19.22 -12.37
C TYR A 30 -1.19 19.67 -13.08
N PRO A 31 -2.35 19.45 -12.44
CA PRO A 31 -3.56 19.84 -13.16
C PRO A 31 -3.70 21.34 -13.27
N PRO A 32 -4.47 21.82 -14.28
CA PRO A 32 -4.77 23.23 -14.27
C PRO A 32 -5.60 23.53 -13.01
N THR A 33 -5.54 24.77 -12.52
CA THR A 33 -6.35 25.23 -11.39
C THR A 33 -7.82 25.56 -11.81
N GLN A 34 -8.73 25.63 -10.84
CA GLN A 34 -10.12 25.97 -11.10
C GLN A 34 -10.20 27.19 -12.02
N ASP A 35 -9.23 28.07 -11.82
CA ASP A 35 -9.08 29.30 -12.58
C ASP A 35 -8.80 29.07 -14.08
N GLY A 36 -8.18 27.93 -14.43
CA GLY A 36 -7.91 27.61 -15.84
C GLY A 36 -6.44 27.72 -16.20
N ARG A 37 -5.68 28.36 -15.32
CA ARG A 37 -4.22 28.49 -15.42
C ARG A 37 -3.52 27.11 -15.45
N THR A 38 -2.50 26.95 -16.30
CA THR A 38 -1.69 25.72 -16.36
C THR A 38 -0.52 25.73 -15.34
N ALA A 39 -0.05 24.52 -15.05
CA ALA A 39 1.13 24.33 -14.17
C ALA A 39 2.44 24.05 -15.01
N ALA A 40 2.41 24.37 -16.31
CA ALA A 40 3.63 24.23 -17.15
C ALA A 40 4.81 25.02 -16.60
N TRP A 41 4.55 26.14 -15.94
CA TRP A 41 5.61 26.98 -15.31
C TRP A 41 6.53 26.26 -14.27
N ARG A 42 5.95 25.35 -13.51
CA ARG A 42 6.68 24.63 -12.48
C ARG A 42 7.75 23.81 -13.15
N THR A 43 7.44 23.25 -14.32
CA THR A 43 8.38 22.35 -15.01
C THR A 43 9.77 23.03 -14.97
N THR A 44 9.76 24.36 -14.70
CA THR A 44 10.86 25.31 -14.93
C THR A 44 11.24 26.41 -13.89
N SER A 45 10.26 27.00 -13.16
CA SER A 45 10.49 28.15 -12.22
C SER A 45 11.73 27.93 -11.38
N GLU A 46 12.79 28.73 -11.58
CA GLU A 46 14.16 28.37 -11.18
C GLU A 46 14.23 27.93 -9.73
N GLU A 47 13.50 28.67 -8.91
CA GLU A 47 13.40 28.45 -7.49
C GLU A 47 12.87 27.01 -7.30
N LYS A 48 11.96 26.54 -8.15
CA LYS A 48 11.34 25.19 -7.97
C LYS A 48 12.28 24.10 -8.35
N LYS A 49 13.06 24.30 -9.42
CA LYS A 49 13.97 23.24 -9.87
C LYS A 49 15.02 23.09 -8.77
N ALA A 50 15.44 24.21 -8.14
CA ALA A 50 16.45 24.12 -7.11
C ALA A 50 15.88 23.42 -5.87
N LEU A 51 14.63 23.75 -5.55
CA LEU A 51 13.98 23.12 -4.37
C LEU A 51 13.78 21.61 -4.60
N ASP A 52 13.40 21.23 -5.83
CA ASP A 52 13.23 19.83 -6.22
C ASP A 52 14.56 19.11 -6.07
N GLN A 53 15.63 19.73 -6.62
CA GLN A 53 16.93 19.10 -6.61
C GLN A 53 17.45 18.98 -5.22
N ALA A 54 17.09 19.91 -4.32
CA ALA A 54 17.52 19.81 -2.92
C ALA A 54 17.06 18.56 -2.17
N SER A 55 15.97 18.00 -2.66
CA SER A 55 15.43 16.77 -2.06
C SER A 55 15.70 15.57 -2.92
N GLU A 56 16.64 15.67 -3.84
CA GLU A 56 16.85 14.57 -4.81
C GLU A 56 17.20 13.25 -4.16
N GLU A 57 17.96 13.28 -3.07
CA GLU A 57 18.34 12.06 -2.39
C GLU A 57 17.04 11.34 -1.87
N ILE A 58 16.08 12.12 -1.38
CA ILE A 58 14.80 11.55 -0.95
C ILE A 58 14.01 10.90 -2.13
N TRP A 59 13.89 11.60 -3.23
CA TRP A 59 13.16 11.02 -4.36
C TRP A 59 13.87 9.75 -4.85
N ASN A 60 15.21 9.78 -4.89
CA ASN A 60 15.99 8.66 -5.28
C ASN A 60 15.77 7.43 -4.40
N ASP A 61 15.64 7.62 -3.09
CA ASP A 61 15.29 6.50 -2.20
C ASP A 61 13.90 5.90 -2.49
N PHE A 62 12.94 6.79 -2.75
CA PHE A 62 11.56 6.31 -3.17
C PHE A 62 11.68 5.54 -4.42
N ARG A 63 12.48 6.02 -5.39
CA ARG A 63 12.60 5.32 -6.66
C ARG A 63 13.23 3.96 -6.54
N GLU A 64 14.27 3.82 -5.72
CA GLU A 64 14.84 2.49 -5.50
C GLU A 64 13.79 1.53 -4.91
N ALA A 65 13.05 1.98 -3.93
CA ALA A 65 11.99 1.17 -3.34
C ALA A 65 10.90 0.85 -4.39
N ALA A 66 10.56 1.79 -5.28
CA ALA A 66 9.53 1.57 -6.33
C ALA A 66 9.99 0.58 -7.36
N GLU A 67 11.31 0.61 -7.67
CA GLU A 67 11.80 -0.35 -8.68
C GLU A 67 11.74 -1.75 -8.08
N ALA A 68 12.08 -1.91 -6.82
CA ALA A 68 11.89 -3.17 -6.11
C ALA A 68 10.44 -3.61 -6.17
N HIS A 69 9.55 -2.69 -5.90
CA HIS A 69 8.11 -3.02 -5.96
C HIS A 69 7.68 -3.50 -7.37
N ARG A 70 8.09 -2.80 -8.40
CA ARG A 70 7.74 -3.19 -9.77
C ARG A 70 8.27 -4.58 -10.09
N GLN A 71 9.53 -4.84 -9.74
CA GLN A 71 10.13 -6.12 -10.08
C GLN A 71 9.53 -7.32 -9.29
N VAL A 72 9.20 -7.09 -8.04
CA VAL A 72 8.57 -8.11 -7.16
C VAL A 72 7.16 -8.43 -7.74
N ARG A 73 6.38 -7.41 -8.03
CA ARG A 73 5.02 -7.64 -8.45
C ARG A 73 4.89 -8.32 -9.83
N LYS A 74 5.81 -8.00 -10.75
CA LYS A 74 5.87 -8.70 -12.01
C LYS A 74 6.14 -10.15 -11.82
N TYR A 75 7.07 -10.46 -10.93
CA TYR A 75 7.41 -11.84 -10.64
C TYR A 75 6.19 -12.55 -10.01
N VAL A 76 5.56 -11.94 -9.05
CA VAL A 76 4.35 -12.49 -8.41
C VAL A 76 3.32 -12.81 -9.47
N MET A 77 3.08 -11.93 -10.40
CA MET A 77 2.03 -12.18 -11.40
CA MET A 77 2.00 -12.14 -11.36
CA MET A 77 2.03 -12.14 -11.40
C MET A 77 2.33 -13.37 -12.24
N SER A 78 3.59 -13.66 -12.44
CA SER A 78 4.06 -14.84 -13.23
C SER A 78 3.68 -16.21 -12.62
N TRP A 79 3.50 -16.31 -11.30
CA TRP A 79 3.36 -17.59 -10.62
C TRP A 79 2.14 -17.67 -9.69
N ILE A 80 1.54 -16.53 -9.34
CA ILE A 80 0.37 -16.61 -8.40
C ILE A 80 -0.76 -17.38 -9.09
N LYS A 81 -1.19 -18.48 -8.41
CA LYS A 81 -2.21 -19.38 -9.00
C LYS A 81 -3.08 -20.00 -7.93
N PRO A 82 -4.36 -20.27 -8.30
CA PRO A 82 -5.15 -21.04 -7.36
C PRO A 82 -4.50 -22.38 -7.08
N GLY A 83 -4.71 -22.88 -5.85
CA GLY A 83 -4.06 -24.01 -5.35
C GLY A 83 -2.95 -23.73 -4.37
N MET A 84 -2.29 -22.58 -4.55
CA MET A 84 -1.32 -22.17 -3.57
C MET A 84 -1.98 -21.78 -2.27
N THR A 85 -1.35 -22.07 -1.15
CA THR A 85 -1.84 -21.50 0.07
C THR A 85 -1.49 -20.00 0.19
N MET A 86 -2.24 -19.29 1.00
CA MET A 86 -1.93 -17.89 1.21
C MET A 86 -0.58 -17.68 1.88
N ILE A 87 -0.24 -18.59 2.76
CA ILE A 87 1.11 -18.58 3.35
C ILE A 87 2.22 -18.77 2.28
N GLU A 88 2.05 -19.76 1.40
CA GLU A 88 3.02 -19.96 0.32
C GLU A 88 3.19 -18.74 -0.56
N ILE A 89 2.09 -18.06 -0.87
CA ILE A 89 2.11 -16.85 -1.70
C ILE A 89 2.92 -15.74 -1.00
N CYS A 90 2.54 -15.49 0.24
CA CYS A 90 3.18 -14.37 1.01
C CYS A 90 4.64 -14.64 1.24
N GLU A 91 5.00 -15.89 1.52
CA GLU A 91 6.44 -16.19 1.78
CA GLU A 91 6.41 -16.13 1.82
C GLU A 91 7.26 -16.05 0.54
N LYS A 92 6.72 -16.50 -0.60
CA LYS A 92 7.45 -16.41 -1.84
CA LYS A 92 7.39 -16.42 -1.89
C LYS A 92 7.61 -14.93 -2.28
N LEU A 93 6.59 -14.12 -2.11
CA LEU A 93 6.64 -12.70 -2.40
C LEU A 93 7.66 -12.02 -1.49
N GLU A 94 7.53 -12.27 -0.23
CA GLU A 94 8.43 -11.61 0.77
C GLU A 94 9.84 -12.02 0.61
N ASP A 95 10.12 -13.26 0.28
CA ASP A 95 11.56 -13.68 0.10
C ASP A 95 12.14 -12.87 -1.04
N CYS A 96 11.38 -12.64 -2.09
CA CYS A 96 11.92 -11.89 -3.19
C CYS A 96 12.08 -10.43 -2.83
N SER A 97 11.09 -9.86 -2.21
CA SER A 97 11.14 -8.46 -1.77
C SER A 97 12.35 -8.17 -0.89
N ARG A 98 12.64 -9.06 0.05
CA ARG A 98 13.82 -8.91 0.91
C ARG A 98 15.09 -8.88 0.07
N LYS A 99 15.21 -9.77 -0.92
CA LYS A 99 16.42 -9.78 -1.73
C LYS A 99 16.57 -8.52 -2.56
N LEU A 100 15.50 -8.06 -3.18
CA LEU A 100 15.59 -6.99 -4.16
C LEU A 100 15.74 -5.65 -3.47
N ILE A 101 15.17 -5.48 -2.29
CA ILE A 101 15.36 -4.25 -1.48
C ILE A 101 16.70 -4.23 -0.75
N LYS A 102 17.34 -5.38 -0.68
CA LYS A 102 18.55 -5.59 0.09
C LYS A 102 18.34 -5.25 1.52
N GLU A 103 17.54 -6.07 2.17
CA GLU A 103 17.11 -5.80 3.50
C GLU A 103 18.34 -5.54 4.38
N ASN A 104 18.23 -4.49 5.21
CA ASN A 104 19.32 -4.06 6.10
C ASN A 104 18.71 -3.37 7.29
N GLY A 105 18.21 -4.13 8.27
CA GLY A 105 17.61 -3.61 9.45
C GLY A 105 16.53 -2.58 9.12
N LEU A 106 16.62 -1.44 9.79
CA LEU A 106 15.68 -0.36 9.61
C LEU A 106 16.07 0.56 8.47
N ASN A 107 17.21 0.33 7.82
CA ASN A 107 17.67 1.18 6.73
C ASN A 107 17.04 0.82 5.34
N ALA A 108 16.57 -0.43 5.17
CA ALA A 108 16.04 -0.90 3.86
C ALA A 108 15.24 -2.14 4.23
N GLY A 109 14.04 -2.30 3.72
CA GLY A 109 13.30 -3.53 4.04
C GLY A 109 11.90 -3.49 3.58
N LEU A 110 11.11 -4.33 4.26
CA LEU A 110 9.69 -4.46 3.98
C LEU A 110 8.98 -3.45 4.84
N ALA A 111 8.16 -2.61 4.25
CA ALA A 111 7.53 -1.53 5.05
C ALA A 111 6.32 -1.98 5.81
N PHE A 112 5.61 -3.00 5.32
CA PHE A 112 4.42 -3.52 5.98
C PHE A 112 4.13 -4.90 5.40
N PRO A 113 3.32 -5.73 6.15
CA PRO A 113 3.04 -7.07 5.70
C PRO A 113 2.36 -7.18 4.36
N THR A 114 2.51 -8.35 3.73
CA THR A 114 1.85 -8.56 2.46
C THR A 114 0.36 -8.80 2.62
N GLY A 115 -0.42 -7.83 2.25
CA GLY A 115 -1.87 -8.00 2.23
C GLY A 115 -2.20 -8.90 1.04
N CYS A 116 -3.13 -9.83 1.25
CA CYS A 116 -3.65 -10.74 0.25
C CYS A 116 -5.13 -11.02 0.47
N SER A 117 -5.82 -10.00 0.87
CA SER A 117 -7.20 -9.99 1.24
C SER A 117 -8.12 -10.56 0.17
N LEU A 118 -8.99 -11.48 0.58
CA LEU A 118 -9.84 -12.22 -0.38
C LEU A 118 -11.31 -11.85 -0.34
N ASN A 119 -11.88 -11.65 -1.56
CA ASN A 119 -13.33 -11.62 -1.74
C ASN A 119 -13.96 -10.40 -1.00
N ASN A 120 -14.79 -10.65 -0.02
CA ASN A 120 -15.43 -9.53 0.69
C ASN A 120 -14.44 -8.86 1.59
N CYS A 121 -13.28 -9.47 1.90
CA CYS A 121 -12.27 -8.78 2.68
CA CYS A 121 -12.21 -8.82 2.68
C CYS A 121 -11.46 -7.92 1.75
N ALA A 122 -11.40 -6.64 2.09
CA ALA A 122 -10.79 -5.60 1.26
C ALA A 122 -9.34 -5.28 1.61
N ALA A 123 -8.97 -5.41 2.87
CA ALA A 123 -7.66 -4.97 3.31
C ALA A 123 -7.28 -5.61 4.62
N HIS A 124 -5.93 -5.61 4.85
CA HIS A 124 -5.34 -5.94 6.15
C HIS A 124 -5.46 -7.39 6.58
N TYR A 125 -5.69 -8.30 5.62
CA TYR A 125 -5.50 -9.74 5.80
C TYR A 125 -4.18 -10.19 5.28
N THR A 126 -3.40 -10.80 6.16
CA THR A 126 -2.27 -11.68 5.77
C THR A 126 -2.38 -12.89 6.69
N PRO A 127 -2.03 -14.09 6.21
CA PRO A 127 -2.18 -15.21 7.11
C PRO A 127 -1.26 -15.18 8.34
N ASN A 128 -1.78 -15.67 9.45
CA ASN A 128 -0.91 -16.05 10.60
C ASN A 128 -0.49 -17.51 10.44
N ALA A 129 0.45 -17.95 11.30
CA ALA A 129 0.79 -19.37 11.28
C ALA A 129 -0.41 -20.22 11.45
N GLY A 130 -0.37 -21.33 10.72
CA GLY A 130 -1.40 -22.33 10.76
C GLY A 130 -2.61 -22.10 9.86
N ASP A 131 -2.68 -20.93 9.21
CA ASP A 131 -3.77 -20.67 8.30
C ASP A 131 -3.69 -21.59 7.08
N THR A 132 -4.76 -22.40 6.88
CA THR A 132 -4.74 -23.39 5.83
C THR A 132 -5.40 -22.87 4.55
N THR A 133 -5.82 -21.58 4.52
CA THR A 133 -6.54 -21.01 3.37
C THR A 133 -5.73 -21.21 2.06
N VAL A 134 -6.48 -21.71 1.05
CA VAL A 134 -5.96 -21.96 -0.27
C VAL A 134 -6.65 -21.02 -1.25
N LEU A 135 -5.87 -20.37 -2.13
CA LEU A 135 -6.38 -19.53 -3.16
C LEU A 135 -7.18 -20.28 -4.17
N GLN A 136 -8.39 -19.76 -4.45
CA GLN A 136 -9.33 -20.42 -5.37
C GLN A 136 -9.49 -19.73 -6.68
N TYR A 137 -9.97 -20.46 -7.64
CA TYR A 137 -10.19 -19.89 -9.03
C TYR A 137 -11.09 -18.68 -9.03
N ASP A 138 -12.15 -18.73 -8.23
CA ASP A 138 -13.06 -17.61 -8.14
C ASP A 138 -12.70 -16.53 -7.16
N ASP A 139 -11.54 -16.59 -6.56
CA ASP A 139 -11.18 -15.56 -5.60
C ASP A 139 -10.76 -14.26 -6.24
N ILE A 140 -11.00 -13.16 -5.50
CA ILE A 140 -10.54 -11.82 -5.88
C ILE A 140 -9.61 -11.34 -4.78
N CYS A 141 -8.33 -11.28 -5.11
CA CYS A 141 -7.24 -11.17 -4.08
C CYS A 141 -6.47 -9.85 -4.23
N LYS A 142 -6.50 -9.00 -3.22
CA LYS A 142 -5.82 -7.75 -3.22
C LYS A 142 -4.40 -7.92 -2.67
N ILE A 143 -3.42 -7.74 -3.56
CA ILE A 143 -2.02 -7.86 -3.19
C ILE A 143 -1.54 -6.47 -2.91
N ASP A 144 -1.27 -6.17 -1.63
CA ASP A 144 -0.88 -4.83 -1.14
C ASP A 144 0.38 -5.05 -0.29
N PHE A 145 1.50 -4.61 -0.85
CA PHE A 145 2.81 -4.84 -0.10
C PHE A 145 3.62 -3.57 -0.26
N GLY A 146 4.54 -3.40 0.71
CA GLY A 146 5.31 -2.19 0.75
C GLY A 146 6.81 -2.48 0.89
N THR A 147 7.60 -1.59 0.31
CA THR A 147 9.05 -1.61 0.39
C THR A 147 9.49 -0.23 0.87
N HIS A 148 10.69 -0.13 1.48
CA HIS A 148 11.21 1.17 1.82
C HIS A 148 12.72 1.21 1.73
N ILE A 149 13.26 2.41 1.47
CA ILE A 149 14.72 2.68 1.62
C ILE A 149 14.78 3.86 2.50
N SER A 150 15.51 3.73 3.61
CA SER A 150 15.61 4.80 4.62
C SER A 150 14.30 5.41 5.08
N GLY A 151 13.27 4.58 5.16
CA GLY A 151 11.99 4.99 5.69
C GLY A 151 11.15 5.72 4.61
N ARG A 152 11.65 5.78 3.37
CA ARG A 152 10.89 6.27 2.23
C ARG A 152 10.09 5.10 1.67
N ILE A 153 8.79 5.12 1.93
CA ILE A 153 7.88 4.02 1.74
C ILE A 153 7.09 4.06 0.41
N ILE A 154 7.02 2.89 -0.24
CA ILE A 154 6.16 2.66 -1.38
C ILE A 154 5.00 1.81 -0.90
N ASP A 155 3.79 2.37 -1.01
CA ASP A 155 2.57 1.65 -0.76
C ASP A 155 1.84 1.56 -2.09
N CYS A 156 1.74 0.34 -2.66
CA CYS A 156 1.23 0.15 -3.98
C CYS A 156 0.65 -1.23 -4.08
N ALA A 157 -0.50 -1.31 -4.72
CA ALA A 157 -1.38 -2.50 -4.63
C ALA A 157 -2.18 -2.69 -5.87
N PHE A 158 -2.53 -3.98 -6.12
CA PHE A 158 -3.27 -4.39 -7.30
C PHE A 158 -4.14 -5.59 -6.92
N THR A 159 -5.07 -5.92 -7.82
CA THR A 159 -6.02 -7.03 -7.59
C THR A 159 -5.73 -8.13 -8.60
N VAL A 160 -5.63 -9.33 -8.09
CA VAL A 160 -5.44 -10.60 -8.84
C VAL A 160 -6.76 -11.32 -8.93
N THR A 161 -7.07 -11.81 -10.13
CA THR A 161 -8.23 -12.64 -10.39
C THR A 161 -7.79 -13.66 -11.44
N PHE A 162 -8.61 -14.71 -11.53
CA PHE A 162 -8.44 -15.74 -12.53
C PHE A 162 -9.71 -15.96 -13.40
N ASN A 163 -10.87 -15.56 -12.90
CA ASN A 163 -12.12 -15.68 -13.59
C ASN A 163 -12.39 -14.34 -14.25
N PRO A 164 -12.60 -14.30 -15.55
CA PRO A 164 -12.90 -13.02 -16.22
C PRO A 164 -14.15 -12.30 -15.81
N LYS A 165 -15.02 -12.93 -15.00
CA LYS A 165 -16.22 -12.30 -14.53
C LYS A 165 -15.99 -11.02 -13.77
N TYR A 166 -14.77 -10.87 -13.21
CA TYR A 166 -14.45 -9.69 -12.41
C TYR A 166 -13.80 -8.61 -13.25
N ASP A 167 -13.60 -8.84 -14.54
CA ASP A 167 -12.75 -7.88 -15.34
C ASP A 167 -13.32 -6.43 -15.24
N THR A 168 -14.63 -6.23 -15.39
CA THR A 168 -15.12 -4.85 -15.35
CA THR A 168 -15.12 -4.87 -15.38
C THR A 168 -15.04 -4.20 -13.99
N LEU A 169 -15.16 -4.98 -12.90
CA LEU A 169 -15.01 -4.45 -11.55
C LEU A 169 -13.55 -3.97 -11.41
N LEU A 170 -12.60 -4.75 -11.89
CA LEU A 170 -11.17 -4.33 -11.82
C LEU A 170 -10.98 -3.08 -12.64
N LYS A 171 -11.49 -3.01 -13.86
CA LYS A 171 -11.37 -1.83 -14.69
C LYS A 171 -11.93 -0.58 -14.02
N ALA A 172 -13.07 -0.71 -13.30
CA ALA A 172 -13.70 0.41 -12.62
C ALA A 172 -12.77 0.98 -11.60
N VAL A 173 -12.24 0.09 -10.77
CA VAL A 173 -11.45 0.52 -9.61
C VAL A 173 -10.10 1.07 -10.12
N LYS A 174 -9.55 0.47 -11.16
CA LYS A 174 -8.33 0.99 -11.74
C LYS A 174 -8.51 2.40 -12.29
N ASP A 175 -9.57 2.63 -13.03
CA ASP A 175 -9.87 3.91 -13.61
C ASP A 175 -10.15 4.92 -12.49
N ALA A 176 -10.84 4.47 -11.39
CA ALA A 176 -11.05 5.38 -10.27
C ALA A 176 -9.72 5.81 -9.60
N THR A 177 -8.83 4.87 -9.45
CA THR A 177 -7.53 5.16 -8.84
C THR A 177 -6.75 6.09 -9.77
N ASN A 178 -6.77 5.81 -11.07
CA ASN A 178 -6.12 6.74 -12.02
C ASN A 178 -6.65 8.14 -12.07
N THR A 179 -7.98 8.22 -11.90
CA THR A 179 -8.63 9.46 -11.78
C THR A 179 -8.20 10.21 -10.53
N GLY A 180 -8.17 9.55 -9.40
CA GLY A 180 -7.65 10.16 -8.19
C GLY A 180 -6.25 10.68 -8.41
N ILE A 181 -5.42 9.87 -8.99
CA ILE A 181 -4.00 10.25 -9.27
C ILE A 181 -3.92 11.51 -10.16
N LYS A 182 -4.76 11.58 -11.17
CA LYS A 182 -4.77 12.73 -12.07
C LYS A 182 -5.23 13.97 -11.36
N CYS A 183 -6.24 13.82 -10.49
CA CYS A 183 -6.85 14.97 -9.79
CA CYS A 183 -6.83 15.00 -9.84
C CYS A 183 -5.89 15.55 -8.78
N ALA A 184 -5.06 14.70 -8.20
CA ALA A 184 -4.17 15.12 -7.12
C ALA A 184 -3.18 16.20 -7.59
N GLY A 185 -2.81 17.07 -6.66
CA GLY A 185 -1.87 18.10 -7.01
C GLY A 185 -1.64 19.05 -5.86
N ILE A 186 -0.63 19.88 -6.02
CA ILE A 186 -0.40 20.91 -5.03
C ILE A 186 -1.57 21.95 -5.05
N ASP A 187 -2.04 22.23 -3.85
CA ASP A 187 -3.15 23.15 -3.62
C ASP A 187 -4.51 22.53 -3.93
N VAL A 188 -4.54 21.26 -4.34
CA VAL A 188 -5.82 20.60 -4.58
C VAL A 188 -6.48 20.18 -3.24
N ARG A 189 -7.78 20.36 -3.19
CA ARG A 189 -8.55 20.03 -2.00
C ARG A 189 -8.81 18.52 -1.93
N LEU A 190 -8.54 17.94 -0.79
CA LEU A 190 -8.66 16.48 -0.66
C LEU A 190 -10.08 16.06 -0.94
N CYS A 191 -11.06 16.84 -0.59
CA CYS A 191 -12.46 16.43 -0.84
C CYS A 191 -12.74 16.33 -2.30
N ASP A 192 -12.07 17.15 -3.12
CA ASP A 192 -12.31 17.19 -4.51
C ASP A 192 -11.78 15.89 -5.14
N VAL A 193 -10.68 15.38 -4.63
CA VAL A 193 -10.12 14.12 -5.09
C VAL A 193 -11.17 13.02 -4.81
N GLY A 194 -11.74 12.99 -3.60
CA GLY A 194 -12.76 12.01 -3.31
C GLY A 194 -13.96 12.08 -4.22
N GLU A 195 -14.49 13.28 -4.47
CA GLU A 195 -15.60 13.45 -5.33
C GLU A 195 -15.27 12.91 -6.71
N ALA A 196 -14.07 13.20 -7.23
CA ALA A 196 -13.73 12.76 -8.55
C ALA A 196 -13.64 11.25 -8.71
N ILE A 197 -13.03 10.65 -7.68
CA ILE A 197 -12.93 9.19 -7.66
C ILE A 197 -14.32 8.57 -7.68
N GLN A 198 -15.18 9.05 -6.81
CA GLN A 198 -16.50 8.45 -6.65
C GLN A 198 -17.32 8.62 -7.96
N GLU A 199 -17.17 9.75 -8.62
CA GLU A 199 -17.92 9.96 -9.87
C GLU A 199 -17.49 8.87 -10.91
N VAL A 200 -16.19 8.63 -11.02
CA VAL A 200 -15.68 7.62 -11.97
C VAL A 200 -16.13 6.26 -11.55
N MET A 201 -15.94 5.93 -10.29
CA MET A 201 -16.27 4.56 -9.89
C MET A 201 -17.74 4.22 -10.13
N GLU A 202 -18.62 5.14 -9.82
CA GLU A 202 -20.00 4.92 -9.91
C GLU A 202 -20.55 5.00 -11.35
N SER A 203 -19.70 5.43 -12.30
CA SER A 203 -20.08 5.44 -13.74
C SER A 203 -20.08 4.01 -14.30
N TYR A 204 -19.58 3.05 -13.56
CA TYR A 204 -19.43 1.63 -13.97
C TYR A 204 -20.60 0.77 -13.40
N GLU A 205 -21.10 -0.10 -14.24
CA GLU A 205 -22.00 -1.14 -13.82
CA GLU A 205 -22.00 -1.15 -13.84
C GLU A 205 -21.34 -2.46 -14.23
N VAL A 206 -21.53 -3.47 -13.40
CA VAL A 206 -20.93 -4.78 -13.64
C VAL A 206 -21.94 -5.88 -13.46
N GLU A 207 -21.73 -7.01 -14.14
CA GLU A 207 -22.57 -8.19 -14.03
C GLU A 207 -21.64 -9.36 -13.63
N ILE A 208 -22.00 -10.00 -12.54
CA ILE A 208 -21.21 -11.14 -11.98
C ILE A 208 -22.21 -12.26 -11.63
N ASP A 209 -22.06 -13.39 -12.29
CA ASP A 209 -22.93 -14.54 -12.10
C ASP A 209 -24.44 -14.14 -12.23
N GLY A 210 -24.69 -13.39 -13.29
CA GLY A 210 -26.05 -13.06 -13.65
C GLY A 210 -26.73 -12.01 -12.78
N LYS A 211 -26.03 -11.41 -11.83
CA LYS A 211 -26.52 -10.30 -11.04
C LYS A 211 -25.80 -9.01 -11.40
N THR A 212 -26.52 -7.89 -11.46
CA THR A 212 -25.91 -6.60 -11.76
C THR A 212 -25.67 -5.74 -10.59
N TYR A 213 -24.63 -4.92 -10.66
CA TYR A 213 -24.25 -4.05 -9.55
C TYR A 213 -23.76 -2.74 -10.04
N GLN A 214 -24.00 -1.65 -9.32
CA GLN A 214 -23.26 -0.42 -9.57
C GLN A 214 -22.12 -0.43 -8.62
N VAL A 215 -20.84 -0.30 -9.05
CA VAL A 215 -19.67 -0.35 -8.21
C VAL A 215 -19.67 0.77 -7.16
N LYS A 216 -19.55 0.42 -5.90
CA LYS A 216 -19.55 1.41 -4.83
C LYS A 216 -18.15 1.60 -4.28
N PRO A 217 -17.71 2.84 -4.14
CA PRO A 217 -16.51 3.03 -3.37
C PRO A 217 -16.73 2.61 -1.96
N ILE A 218 -15.70 2.07 -1.32
CA ILE A 218 -15.84 1.67 0.13
C ILE A 218 -15.59 2.97 0.95
N ARG A 219 -16.70 3.52 1.47
CA ARG A 219 -16.72 4.88 1.99
C ARG A 219 -15.81 5.10 3.17
N ASN A 220 -15.53 4.05 3.95
CA ASN A 220 -14.70 4.15 5.13
C ASN A 220 -13.32 3.49 4.95
N LEU A 221 -12.85 3.43 3.67
CA LEU A 221 -11.54 3.21 3.42
C LEU A 221 -11.05 4.46 2.61
N ASN A 222 -9.73 4.65 2.61
CA ASN A 222 -9.19 5.93 2.03
C ASN A 222 -7.75 5.78 1.77
N GLY A 223 -7.18 6.66 0.97
CA GLY A 223 -5.76 6.78 0.93
C GLY A 223 -5.22 7.73 2.00
N HIS A 224 -3.93 8.03 1.90
CA HIS A 224 -3.32 8.67 3.09
C HIS A 224 -2.01 9.28 2.68
N SER A 225 -1.63 10.37 3.35
CA SER A 225 -0.23 10.86 3.22
C SER A 225 0.72 9.85 3.90
N ILE A 226 1.99 9.95 3.48
CA ILE A 226 3.07 9.06 3.89
C ILE A 226 4.19 9.96 4.39
N GLY A 227 4.72 9.60 5.56
CA GLY A 227 5.86 10.23 6.17
C GLY A 227 7.06 9.28 6.31
N GLN A 228 8.17 9.89 6.70
CA GLN A 228 9.35 9.05 6.91
C GLN A 228 9.11 8.05 8.03
N TYR A 229 9.24 6.73 7.73
CA TYR A 229 8.88 5.65 8.65
C TYR A 229 7.52 5.72 9.22
N ARG A 230 6.61 6.35 8.43
CA ARG A 230 5.27 6.61 8.88
C ARG A 230 4.30 6.37 7.75
N ILE A 231 3.74 5.17 7.74
CA ILE A 231 2.89 4.74 6.65
CA ILE A 231 2.91 4.74 6.67
C ILE A 231 1.69 5.66 6.47
N HIS A 232 1.12 6.16 7.57
CA HIS A 232 0.01 7.02 7.52
C HIS A 232 0.38 8.24 8.27
N ALA A 233 0.66 9.32 7.56
CA ALA A 233 1.14 10.51 8.22
C ALA A 233 0.12 11.52 8.68
N GLY A 234 -1.13 11.21 8.46
CA GLY A 234 -2.21 11.87 9.17
C GLY A 234 -3.19 12.59 8.26
N LYS A 235 -2.92 12.78 6.96
CA LYS A 235 -3.93 13.36 6.02
C LYS A 235 -4.56 12.20 5.29
N THR A 236 -5.88 12.24 5.16
CA THR A 236 -6.65 11.20 4.51
CA THR A 236 -6.50 11.18 4.41
C THR A 236 -7.06 11.65 3.11
N VAL A 237 -7.03 10.73 2.14
CA VAL A 237 -7.54 10.99 0.81
C VAL A 237 -8.83 10.23 0.64
N PRO A 238 -9.97 10.92 0.72
CA PRO A 238 -11.25 10.22 0.60
C PRO A 238 -11.50 9.68 -0.77
N ILE A 239 -12.38 8.68 -0.78
CA ILE A 239 -12.85 8.08 -2.05
C ILE A 239 -14.30 8.25 -2.33
N VAL A 240 -14.93 9.11 -1.53
CA VAL A 240 -16.28 9.53 -1.78
C VAL A 240 -16.33 11.03 -1.49
N LYS A 241 -17.44 11.63 -1.95
CA LYS A 241 -17.74 13.01 -1.70
C LYS A 241 -17.96 13.30 -0.20
N GLY A 242 -17.90 14.55 0.14
CA GLY A 242 -18.27 14.98 1.51
C GLY A 242 -17.11 15.11 2.48
N GLY A 243 -15.87 14.95 2.01
CA GLY A 243 -14.71 14.97 2.85
C GLY A 243 -14.24 16.40 3.26
N GLU A 244 -13.02 16.45 3.80
CA GLU A 244 -12.40 17.78 4.21
C GLU A 244 -11.81 18.55 3.03
N ALA A 245 -11.95 19.90 3.11
CA ALA A 245 -11.38 20.77 2.07
C ALA A 245 -9.88 21.13 2.37
N THR A 246 -9.26 20.46 3.31
CA THR A 246 -7.79 20.47 3.51
C THR A 246 -7.10 20.24 2.19
N ARG A 247 -6.03 21.01 1.92
CA ARG A 247 -5.33 20.96 0.66
C ARG A 247 -4.06 20.07 0.73
N MET A 248 -3.73 19.46 -0.41
CA MET A 248 -2.43 18.81 -0.60
C MET A 248 -1.34 19.91 -0.79
N GLU A 249 -0.17 19.62 -0.26
CA GLU A 249 0.93 20.61 -0.20
C GLU A 249 2.19 20.14 -0.96
N GLU A 250 3.01 21.12 -1.36
CA GLU A 250 4.24 20.81 -2.07
C GLU A 250 5.15 20.02 -1.15
N GLY A 251 5.75 18.95 -1.71
CA GLY A 251 6.65 18.03 -0.98
C GLY A 251 6.04 16.87 -0.28
N GLU A 252 4.70 16.82 -0.20
CA GLU A 252 4.02 15.68 0.44
C GLU A 252 4.09 14.53 -0.48
N VAL A 253 3.84 13.40 0.10
CA VAL A 253 3.80 12.07 -0.55
C VAL A 253 2.47 11.44 -0.16
N TYR A 254 1.78 10.86 -1.13
CA TYR A 254 0.50 10.26 -0.87
C TYR A 254 0.39 8.86 -1.48
N ALA A 255 -0.31 8.01 -0.73
CA ALA A 255 -0.82 6.71 -1.21
C ALA A 255 -2.24 6.97 -1.72
N ILE A 256 -2.42 6.99 -3.04
CA ILE A 256 -3.73 7.18 -3.67
C ILE A 256 -4.25 5.79 -3.97
N GLU A 257 -5.18 5.33 -3.09
CA GLU A 257 -5.77 3.96 -3.17
C GLU A 257 -7.23 4.14 -3.34
N THR A 258 -7.86 3.32 -4.17
CA THR A 258 -9.35 3.23 -4.16
C THR A 258 -9.75 1.78 -4.05
N PHE A 259 -10.91 1.61 -3.42
CA PHE A 259 -11.55 0.32 -3.21
C PHE A 259 -12.98 0.37 -3.78
N GLY A 260 -13.31 -0.61 -4.54
CA GLY A 260 -14.70 -0.79 -5.04
C GLY A 260 -15.30 -2.07 -4.52
N SER A 261 -16.62 -2.04 -4.33
CA SER A 261 -17.35 -3.19 -3.83
C SER A 261 -18.66 -3.38 -4.51
N THR A 262 -19.07 -4.63 -4.58
CA THR A 262 -20.45 -5.01 -4.96
C THR A 262 -21.31 -5.21 -3.69
N GLY A 263 -20.86 -4.90 -2.44
CA GLY A 263 -21.61 -5.05 -1.22
C GLY A 263 -22.21 -3.77 -0.71
N LYS A 264 -22.10 -3.54 0.56
CA LYS A 264 -22.61 -2.30 1.15
C LYS A 264 -21.77 -1.07 0.84
N GLY A 265 -20.51 -1.31 0.48
CA GLY A 265 -19.63 -0.16 0.39
C GLY A 265 -19.11 0.35 1.72
N VAL A 266 -19.13 -0.49 2.78
CA VAL A 266 -18.63 -0.14 4.09
C VAL A 266 -17.95 -1.41 4.63
N VAL A 267 -16.80 -1.25 5.25
CA VAL A 267 -16.10 -2.35 5.91
C VAL A 267 -16.26 -2.33 7.42
N HIS A 268 -16.12 -3.50 8.00
CA HIS A 268 -16.03 -3.67 9.44
C HIS A 268 -14.90 -4.63 9.73
N ASP A 269 -14.45 -4.62 10.98
CA ASP A 269 -13.37 -5.52 11.43
C ASP A 269 -13.86 -6.93 11.46
N ASP A 270 -13.09 -7.86 10.93
CA ASP A 270 -13.49 -9.28 11.00
C ASP A 270 -12.31 -10.17 10.88
N MET A 271 -12.38 -11.42 11.36
CA MET A 271 -11.30 -12.38 11.24
C MET A 271 -10.15 -12.09 12.25
N GLU A 272 -9.21 -12.98 12.32
CA GLU A 272 -8.18 -12.90 13.34
C GLU A 272 -7.19 -11.83 12.85
N CYS A 273 -6.70 -11.01 13.79
CA CYS A 273 -5.74 -10.00 13.47
C CYS A 273 -4.38 -10.56 13.18
N SER A 274 -3.75 -10.02 12.13
CA SER A 274 -2.38 -10.32 11.76
C SER A 274 -1.43 -9.17 11.76
N HIS A 275 -1.93 -8.00 11.50
CA HIS A 275 -1.15 -6.76 11.32
C HIS A 275 -1.13 -5.90 12.62
N TYR A 276 0.07 -5.44 12.96
CA TYR A 276 0.30 -4.56 14.14
C TYR A 276 1.33 -3.50 13.81
N MET A 277 1.33 -2.41 14.55
CA MET A 277 2.36 -1.36 14.34
C MET A 277 2.43 -0.53 15.64
N LYS A 278 3.63 -0.18 16.06
CA LYS A 278 3.86 0.79 17.12
C LYS A 278 3.13 2.08 16.82
N ASN A 279 2.52 2.66 17.85
CA ASN A 279 1.97 3.99 17.78
C ASN A 279 3.13 4.96 17.63
N PHE A 280 3.04 5.77 16.60
CA PHE A 280 4.16 6.60 16.21
C PHE A 280 4.42 7.64 17.27
N ASP A 281 3.35 8.02 17.96
CA ASP A 281 3.35 9.15 18.89
C ASP A 281 3.58 8.72 20.33
N VAL A 282 3.77 7.44 20.59
CA VAL A 282 4.06 7.05 21.97
C VAL A 282 5.58 7.05 22.10
N GLY A 283 6.05 7.55 23.23
CA GLY A 283 7.49 7.60 23.49
C GLY A 283 7.98 6.33 24.13
N HIS A 284 9.17 6.42 24.71
CA HIS A 284 9.67 5.39 25.61
C HIS A 284 8.73 5.13 26.82
N VAL A 285 8.41 3.85 27.02
CA VAL A 285 7.68 3.40 28.19
C VAL A 285 8.52 2.26 28.81
N PRO A 286 8.97 2.46 30.04
CA PRO A 286 9.72 1.41 30.76
C PRO A 286 8.75 0.23 31.11
N ILE A 287 9.18 -0.96 30.73
CA ILE A 287 8.43 -2.17 31.05
C ILE A 287 9.31 -3.16 31.85
N ARG A 288 8.81 -3.63 32.99
CA ARG A 288 9.50 -4.58 33.87
C ARG A 288 9.04 -6.01 33.56
N LEU A 289 7.77 -6.17 33.19
CA LEU A 289 7.24 -7.53 32.82
C LEU A 289 8.17 -8.18 31.76
N PRO A 290 8.76 -9.34 32.08
CA PRO A 290 9.90 -9.68 31.21
C PRO A 290 9.56 -10.15 29.82
N ARG A 291 8.47 -10.86 29.60
CA ARG A 291 8.10 -11.22 28.25
C ARG A 291 7.64 -10.03 27.42
N THR A 292 6.96 -9.12 28.07
CA THR A 292 6.45 -7.94 27.43
C THR A 292 7.64 -7.02 27.03
N LYS A 293 8.57 -6.87 27.95
CA LYS A 293 9.81 -6.08 27.73
C LYS A 293 10.56 -6.68 26.57
N HIS A 294 10.72 -7.98 26.55
CA HIS A 294 11.47 -8.61 25.50
C HIS A 294 10.82 -8.43 24.16
N LEU A 295 9.53 -8.65 24.06
CA LEU A 295 8.84 -8.43 22.81
C LEU A 295 8.91 -6.99 22.33
N LEU A 296 8.74 -6.01 23.21
CA LEU A 296 8.84 -4.65 22.76
C LEU A 296 10.24 -4.36 22.24
N ASN A 297 11.28 -4.92 22.89
CA ASN A 297 12.66 -4.73 22.36
C ASN A 297 12.77 -5.33 21.00
N VAL A 298 12.28 -6.55 20.79
CA VAL A 298 12.30 -7.15 19.48
C VAL A 298 11.63 -6.27 18.38
N ILE A 299 10.48 -5.70 18.74
CA ILE A 299 9.77 -4.83 17.84
C ILE A 299 10.56 -3.57 17.57
N ASN A 300 11.11 -2.94 18.59
CA ASN A 300 11.93 -1.72 18.41
C ASN A 300 13.12 -1.97 17.55
N GLU A 301 13.79 -3.12 17.70
CA GLU A 301 15.01 -3.43 16.91
C GLU A 301 14.69 -3.71 15.46
N ASN A 302 13.60 -4.43 15.19
CA ASN A 302 13.35 -4.99 13.88
C ASN A 302 12.39 -4.18 13.02
N PHE A 303 11.43 -3.55 13.65
CA PHE A 303 10.40 -2.82 12.97
C PHE A 303 10.40 -1.33 13.25
N GLY A 304 10.74 -0.92 14.42
CA GLY A 304 10.59 0.52 14.84
C GLY A 304 9.14 0.96 14.75
N THR A 305 8.84 2.01 13.96
CA THR A 305 7.50 2.47 13.75
C THR A 305 6.88 1.92 12.46
N LEU A 306 7.58 0.99 11.77
CA LEU A 306 7.01 0.29 10.61
C LEU A 306 6.12 -0.84 11.05
N ALA A 307 5.19 -1.26 10.19
CA ALA A 307 4.25 -2.32 10.50
C ALA A 307 4.88 -3.69 10.45
N PHE A 308 4.29 -4.62 11.20
CA PHE A 308 4.69 -5.99 11.16
C PHE A 308 3.50 -6.90 11.31
N CYS A 309 3.74 -8.20 11.14
CA CYS A 309 2.69 -9.20 11.34
C CYS A 309 3.23 -10.36 12.20
N ARG A 310 2.33 -11.21 12.64
CA ARG A 310 2.71 -12.32 13.53
CA ARG A 310 2.69 -12.30 13.53
C ARG A 310 3.73 -13.24 12.84
N ARG A 311 3.54 -13.52 11.55
CA ARG A 311 4.53 -14.35 10.84
C ARG A 311 5.94 -13.79 10.97
N TRP A 312 6.11 -12.48 11.02
CA TRP A 312 7.39 -11.84 11.08
C TRP A 312 8.00 -11.95 12.47
N LEU A 313 7.17 -12.10 13.47
CA LEU A 313 7.70 -12.44 14.81
C LEU A 313 8.10 -13.89 14.84
N ASP A 314 7.27 -14.78 14.31
CA ASP A 314 7.61 -16.18 14.26
C ASP A 314 8.97 -16.38 13.64
N ARG A 315 9.24 -15.72 12.52
CA ARG A 315 10.48 -15.97 11.82
C ARG A 315 11.75 -15.46 12.53
N LEU A 316 11.59 -14.58 13.49
CA LEU A 316 12.68 -14.14 14.37
C LEU A 316 12.88 -15.06 15.54
N GLY A 317 12.17 -16.18 15.59
CA GLY A 317 12.29 -17.16 16.65
C GLY A 317 11.46 -16.87 17.86
N GLU A 318 10.53 -15.93 17.77
CA GLU A 318 9.65 -15.72 18.91
C GLU A 318 8.52 -16.72 18.94
N SER A 319 8.15 -17.20 20.12
CA SER A 319 7.01 -18.06 20.28
C SER A 319 6.31 -17.75 21.62
N LYS A 320 5.05 -18.11 21.62
CA LYS A 320 4.15 -17.95 22.79
C LYS A 320 4.20 -16.50 23.27
N TYR A 321 4.12 -15.58 22.30
CA TYR A 321 4.24 -14.13 22.52
C TYR A 321 2.84 -13.44 22.54
N LEU A 322 1.75 -14.14 22.35
CA LEU A 322 0.49 -13.44 22.13
C LEU A 322 0.04 -12.59 23.29
N MET A 323 0.22 -13.09 24.50
CA MET A 323 -0.15 -12.33 25.64
CA MET A 323 -0.16 -12.24 25.68
C MET A 323 0.69 -11.06 25.81
N ALA A 324 1.97 -11.16 25.54
CA ALA A 324 2.82 -9.99 25.59
C ALA A 324 2.42 -8.98 24.50
N LEU A 325 2.06 -9.49 23.33
CA LEU A 325 1.61 -8.60 22.23
C LEU A 325 0.27 -7.95 22.60
N LYS A 326 -0.64 -8.69 23.23
CA LYS A 326 -1.90 -8.12 23.73
C LYS A 326 -1.63 -7.07 24.77
N ASN A 327 -0.67 -7.34 25.68
CA ASN A 327 -0.25 -6.35 26.65
CA ASN A 327 -0.28 -6.35 26.65
C ASN A 327 0.20 -5.01 26.03
N LEU A 328 1.06 -5.10 25.02
CA LEU A 328 1.50 -3.90 24.34
C LEU A 328 0.37 -3.15 23.62
N CYS A 329 -0.60 -3.90 23.13
CA CYS A 329 -1.81 -3.27 22.55
C CYS A 329 -2.66 -2.55 23.61
N ASP A 330 -2.88 -3.24 24.71
CA ASP A 330 -3.68 -2.72 25.82
C ASP A 330 -3.04 -1.49 26.41
N LEU A 331 -1.72 -1.45 26.48
CA LEU A 331 -0.97 -0.27 26.97
C LEU A 331 -0.94 0.88 25.97
N GLY A 332 -1.42 0.66 24.78
CA GLY A 332 -1.40 1.66 23.72
C GLY A 332 -0.09 1.88 23.03
N ILE A 333 0.90 0.97 23.29
CA ILE A 333 2.20 1.08 22.62
C ILE A 333 2.19 0.56 21.21
N VAL A 334 1.45 -0.52 21.01
CA VAL A 334 1.19 -1.14 19.71
C VAL A 334 -0.30 -1.05 19.43
N ASP A 335 -0.60 -0.86 18.15
CA ASP A 335 -2.02 -0.90 17.70
C ASP A 335 -2.21 -2.12 16.79
N PRO A 336 -3.32 -2.79 16.94
CA PRO A 336 -3.72 -3.85 16.05
C PRO A 336 -4.47 -3.26 14.80
N TYR A 337 -4.35 -3.90 13.68
CA TYR A 337 -5.03 -3.46 12.41
C TYR A 337 -5.71 -4.71 11.81
N PRO A 338 -6.93 -5.03 12.30
CA PRO A 338 -7.58 -6.28 11.88
C PRO A 338 -8.05 -6.18 10.40
N PRO A 339 -8.27 -7.34 9.79
CA PRO A 339 -8.89 -7.34 8.42
C PRO A 339 -10.18 -6.55 8.38
N LEU A 340 -10.41 -5.94 7.23
CA LEU A 340 -11.51 -5.03 7.02
C LEU A 340 -12.35 -5.63 5.88
N CYS A 341 -13.60 -5.98 6.21
CA CYS A 341 -14.45 -6.75 5.30
C CYS A 341 -15.79 -6.11 5.09
N ASP A 342 -16.27 -6.20 3.83
CA ASP A 342 -17.70 -5.87 3.50
C ASP A 342 -18.52 -7.15 3.76
N ILE A 343 -19.81 -7.07 3.44
CA ILE A 343 -20.75 -8.13 3.79
C ILE A 343 -20.43 -9.43 3.08
N LYS A 344 -20.89 -10.52 3.68
CA LYS A 344 -20.69 -11.85 3.11
C LYS A 344 -21.22 -11.91 1.68
N GLY A 345 -20.45 -12.51 0.80
CA GLY A 345 -20.88 -12.60 -0.60
C GLY A 345 -20.50 -11.43 -1.48
N SER A 346 -19.99 -10.33 -0.92
CA SER A 346 -19.54 -9.20 -1.75
C SER A 346 -18.15 -9.40 -2.28
N TYR A 347 -17.87 -8.63 -3.37
CA TYR A 347 -16.56 -8.65 -4.02
C TYR A 347 -15.97 -7.28 -3.90
N THR A 348 -14.69 -7.21 -3.54
CA THR A 348 -13.98 -5.98 -3.35
C THR A 348 -12.68 -6.00 -4.18
N ALA A 349 -12.37 -4.86 -4.76
CA ALA A 349 -11.11 -4.68 -5.55
C ALA A 349 -10.41 -3.41 -5.13
N GLN A 350 -9.09 -3.36 -5.36
CA GLN A 350 -8.20 -2.26 -4.96
C GLN A 350 -7.12 -2.04 -6.01
N PHE A 351 -6.82 -0.78 -6.26
CA PHE A 351 -5.57 -0.35 -6.95
C PHE A 351 -5.01 0.83 -6.18
N GLU A 352 -3.67 0.96 -6.17
CA GLU A 352 -3.04 1.99 -5.36
C GLU A 352 -1.63 2.30 -5.95
N HIS A 353 -1.30 3.60 -5.94
CA HIS A 353 0.05 4.09 -6.19
C HIS A 353 0.47 5.02 -5.13
N THR A 354 1.82 5.17 -5.06
CA THR A 354 2.47 6.23 -4.31
C THR A 354 2.85 7.38 -5.27
N ILE A 355 2.47 8.61 -4.90
CA ILE A 355 2.78 9.79 -5.67
C ILE A 355 3.61 10.77 -4.83
N LEU A 356 4.54 11.44 -5.53
CA LEU A 356 5.43 12.47 -4.94
C LEU A 356 4.99 13.81 -5.49
N LEU A 357 4.63 14.73 -4.60
CA LEU A 357 4.26 16.09 -5.02
C LEU A 357 5.53 16.95 -5.04
N ARG A 358 6.30 16.73 -6.07
CA ARG A 358 7.62 17.39 -6.16
C ARG A 358 7.34 18.83 -6.57
N PRO A 359 8.27 19.74 -6.21
CA PRO A 359 8.11 21.14 -6.70
C PRO A 359 7.94 21.31 -8.22
N THR A 360 8.54 20.49 -9.08
CA THR A 360 8.46 20.71 -10.51
C THR A 360 7.43 19.85 -11.24
N CYS A 361 6.84 18.87 -10.57
CA CYS A 361 5.95 17.99 -11.25
C CYS A 361 5.38 17.02 -10.21
N LYS A 362 4.39 16.26 -10.65
CA LYS A 362 3.82 15.17 -9.82
C LYS A 362 4.36 13.89 -10.37
N GLU A 363 4.98 13.10 -9.46
CA GLU A 363 5.61 11.86 -9.92
C GLU A 363 4.82 10.64 -9.36
N VAL A 364 4.32 9.83 -10.26
CA VAL A 364 3.66 8.54 -9.88
C VAL A 364 4.82 7.55 -9.83
N VAL A 365 5.45 7.56 -8.69
CA VAL A 365 6.77 6.94 -8.52
C VAL A 365 6.70 5.44 -8.66
N SER A 366 5.54 4.86 -8.25
CA SER A 366 5.34 3.42 -8.34
C SER A 366 4.65 2.92 -9.66
N ARG A 367 4.37 3.84 -10.59
CA ARG A 367 3.82 3.45 -11.91
C ARG A 367 4.68 2.39 -12.60
N GLY A 368 4.06 1.40 -13.22
CA GLY A 368 4.79 0.50 -14.06
C GLY A 368 4.14 0.38 -15.42
N ASP A 369 4.56 -0.61 -16.17
CA ASP A 369 3.93 -0.90 -17.46
CA ASP A 369 3.95 -0.92 -17.45
C ASP A 369 2.76 -1.84 -17.28
N ASP A 370 2.58 -2.34 -16.05
CA ASP A 370 1.47 -3.16 -15.63
C ASP A 370 0.25 -2.37 -15.17
N TYR A 371 0.45 -1.39 -14.32
CA TYR A 371 -0.58 -0.48 -13.84
C TYR A 371 0.00 0.76 -13.24
O1 57R B . -3.89 1.31 3.64
C1 57R B . -0.14 -2.42 10.15
C2 57R B . -0.56 -1.10 8.22
N1 57R B . -3.82 2.29 6.53
C3 57R B . -0.39 -0.88 6.91
C4 57R B . -0.94 0.23 6.26
O2 57R B . -8.14 3.02 5.56
C5 57R B . -1.70 1.07 7.04
O3 57R B . -8.86 2.10 7.66
C6 57R B . -1.94 0.85 8.34
O4 57R B . -0.04 -2.25 8.79
C7 57R B . -1.35 -0.23 8.98
C16 57R B . -8.89 3.05 6.82
N4 57R B . -9.61 4.11 6.98
C17 57R B . -10.41 4.36 8.19
C18 57R B . -9.36 4.85 9.18
C19 57R B . -11.51 5.38 7.93
C13 57R B . -7.34 1.80 5.49
C14 57R B . -6.99 1.54 4.01
C15 57R B . -6.08 0.31 3.97
C10 57R B . -4.73 0.66 4.64
C9 57R B . -4.09 -0.71 5.11
C11 57R B . -4.82 1.65 5.66
C12 57R B . -6.07 2.16 6.18
N3 57R B . -5.85 3.04 7.10
N2 57R B . -4.53 3.17 7.38
C8 57R B . -2.35 2.28 6.48
CO CO C . -1.38 -0.36 0.48
O TBU D . -8.96 -13.19 -15.38
O TBU D . -9.14 -13.29 -16.87
C TBU D . -7.73 -12.84 -15.94
C TBU D . -8.19 -12.98 -15.86
C1 TBU D . -6.65 -13.83 -15.56
C1 TBU D . -7.70 -11.57 -15.84
C2 TBU D . -7.90 -12.84 -17.43
C2 TBU D . -9.05 -13.20 -14.73
C3 TBU D . -7.42 -11.48 -15.44
C3 TBU D . -6.93 -13.84 -15.83
O TBU E . -5.71 -20.45 -13.24
C TBU E . -6.29 -21.13 -14.34
C1 TBU E . -5.28 -21.35 -15.44
C2 TBU E . -6.83 -22.47 -13.92
C3 TBU E . -7.38 -20.24 -14.91
C1 EDO F . 12.94 3.96 13.00
O1 EDO F . 13.74 4.62 12.04
C2 EDO F . 11.47 3.75 12.68
O2 EDO F . 11.07 2.56 11.89
C1 EDO G . -1.68 -27.21 0.66
O1 EDO G . -2.99 -27.04 1.17
C2 EDO G . -1.78 -27.51 -0.81
O2 EDO G . -1.97 -26.25 -1.51
#